data_8VJA
#
_entry.id   8VJA
#
_entity_poly.entity_id   1
_entity_poly.type   'polypeptide(L)'
_entity_poly.pdbx_seq_one_letter_code
;MNDNYQNNYVVGRGTVYFDRFQDGTNRKTGEMYFGNTPEFTINTDSETLDHYSSDHGMRVMDASVLLEASQGGTFTCDNI
NADNLALWFLGEVSNTTQTQQTDAKEVFNPIMRGRYYQLGTTDDNPTGVRGVTNFQMVKADASIAISVGSGDITSIVGAT
VVNPAGNYEIDLEAGRIYIEPDSTDLSGNVQIAVQYDVDAQKRTLVIGKSNMVYGALRMISDNPVGLNKNYYFPKVSIAP
DGDYALKGDDWQVMSFTFKAMQLNNITQRVYIDIVEAAAAVDPTAQRTIEITPASTTATTGGAGVVCTVTVRDGTGTAVQ
GDAVTFTTVAGATVTPNSATTGATGTATTTVNRAAAGTATVTATLANGKAATTGTITFSAP
;
_entity_poly.pdbx_strand_id   A
#
# COMPACT_ATOMS: atom_id res chain seq x y z
N ASN A 2 -32.46 43.42 5.70
CA ASN A 2 -31.82 43.12 4.41
C ASN A 2 -32.34 41.81 3.83
N ASP A 3 -33.38 41.86 3.02
CA ASP A 3 -33.82 40.62 2.37
C ASP A 3 -32.75 40.10 1.42
N ASN A 4 -32.59 40.76 0.28
CA ASN A 4 -31.59 40.36 -0.70
C ASN A 4 -30.20 40.31 -0.14
N TYR A 5 -29.70 39.11 0.11
CA TYR A 5 -28.36 38.95 0.59
C TYR A 5 -27.81 37.94 -0.35
N GLN A 6 -26.61 38.20 -0.82
CA GLN A 6 -25.97 37.30 -1.78
C GLN A 6 -25.16 36.21 -1.08
N ASN A 7 -25.72 35.00 -1.01
CA ASN A 7 -25.09 33.84 -0.39
C ASN A 7 -23.96 33.26 -1.24
N ASN A 8 -22.87 32.82 -0.60
CA ASN A 8 -21.83 32.06 -1.27
C ASN A 8 -22.22 30.57 -1.36
N TYR A 9 -23.17 30.24 -2.22
CA TYR A 9 -23.46 28.84 -2.54
C TYR A 9 -22.30 28.25 -3.34
N VAL A 10 -21.77 27.11 -2.93
CA VAL A 10 -20.52 26.54 -3.44
C VAL A 10 -20.66 25.05 -3.74
N VAL A 11 -20.11 24.60 -4.86
CA VAL A 11 -19.94 23.17 -5.20
C VAL A 11 -18.47 22.85 -5.14
N GLY A 12 -18.06 21.94 -4.26
CA GLY A 12 -16.65 21.69 -3.99
C GLY A 12 -15.94 20.90 -5.08
N ARG A 13 -14.76 21.37 -5.47
CA ARG A 13 -13.89 20.67 -6.41
C ARG A 13 -12.50 21.16 -6.03
N GLY A 14 -11.48 20.32 -6.04
CA GLY A 14 -10.13 20.71 -5.64
C GLY A 14 -9.11 19.60 -5.76
N THR A 15 -7.85 19.98 -5.67
CA THR A 15 -6.70 19.09 -5.69
C THR A 15 -6.15 18.95 -4.27
N VAL A 16 -5.91 17.71 -3.85
CA VAL A 16 -5.43 17.39 -2.50
C VAL A 16 -3.97 16.97 -2.58
N TYR A 17 -3.14 17.49 -1.69
CA TYR A 17 -1.70 17.25 -1.62
C TYR A 17 -1.29 16.84 -0.22
N PHE A 18 -0.28 16.00 -0.10
CA PHE A 18 0.33 15.66 1.18
C PHE A 18 1.86 15.71 1.07
N ASP A 19 2.54 16.16 2.12
CA ASP A 19 4.01 16.10 2.20
C ASP A 19 4.54 15.26 3.36
N ARG A 20 5.00 14.06 3.11
CA ARG A 20 5.45 13.27 4.22
C ARG A 20 6.65 13.87 4.91
N PHE A 21 6.64 13.91 6.23
CA PHE A 21 7.81 14.33 6.98
C PHE A 21 8.87 13.23 6.98
N GLN A 22 10.15 13.59 7.01
CA GLN A 22 11.22 12.63 7.28
C GLN A 22 11.02 12.04 8.68
N ASP A 23 11.03 10.71 8.81
CA ASP A 23 10.61 10.02 10.02
C ASP A 23 11.32 10.51 11.30
N GLY A 24 10.55 10.78 12.35
CA GLY A 24 11.03 11.35 13.61
C GLY A 24 11.30 12.86 13.61
N THR A 25 10.85 13.58 12.58
CA THR A 25 11.07 15.04 12.40
C THR A 25 9.83 15.72 11.84
N ASN A 26 9.83 17.06 11.80
CA ASN A 26 8.84 17.85 11.05
C ASN A 26 9.34 18.28 9.65
N ARG A 27 10.40 17.68 9.11
CA ARG A 27 11.07 18.11 7.87
C ARG A 27 10.32 17.62 6.63
N LYS A 28 9.78 18.54 5.84
CA LYS A 28 8.97 18.27 4.64
C LYS A 28 9.77 17.62 3.52
N THR A 29 9.27 16.53 2.94
CA THR A 29 9.81 15.95 1.70
C THR A 29 9.35 16.67 0.43
N GLY A 30 8.15 17.25 0.41
CA GLY A 30 7.54 17.94 -0.73
C GLY A 30 6.14 17.43 -1.09
N GLU A 31 5.25 18.30 -1.55
CA GLU A 31 3.82 18.01 -1.74
C GLU A 31 3.56 17.05 -2.91
N MET A 32 3.26 15.78 -2.64
CA MET A 32 2.67 14.89 -3.64
C MET A 32 1.18 15.15 -3.78
N TYR A 33 0.73 15.42 -5.00
CA TYR A 33 -0.67 15.42 -5.38
C TYR A 33 -1.22 13.99 -5.34
N PHE A 34 -2.41 13.79 -4.77
CA PHE A 34 -3.02 12.46 -4.74
C PHE A 34 -3.49 11.97 -6.11
N GLY A 35 -3.80 12.84 -7.05
CA GLY A 35 -4.66 12.52 -8.19
C GLY A 35 -6.12 12.76 -7.84
N ASN A 36 -7.05 12.16 -8.57
CA ASN A 36 -8.46 12.43 -8.36
C ASN A 36 -8.95 11.94 -6.99
N THR A 37 -9.53 12.84 -6.19
CA THR A 37 -10.18 12.52 -4.91
C THR A 37 -11.70 12.67 -5.05
N PRO A 38 -12.50 11.59 -5.02
CA PRO A 38 -13.95 11.69 -5.08
C PRO A 38 -14.58 12.45 -3.91
N GLU A 39 -14.10 12.22 -2.68
CA GLU A 39 -14.49 12.99 -1.51
C GLU A 39 -13.27 13.61 -0.84
N PHE A 40 -13.48 14.75 -0.20
CA PHE A 40 -12.64 15.27 0.86
C PHE A 40 -13.56 15.92 1.89
N THR A 41 -13.63 15.36 3.09
CA THR A 41 -14.49 15.87 4.17
C THR A 41 -13.66 16.18 5.40
N ILE A 42 -13.98 17.28 6.06
CA ILE A 42 -13.41 17.66 7.35
C ILE A 42 -14.47 17.34 8.40
N ASN A 43 -14.07 16.70 9.49
CA ASN A 43 -14.95 16.40 10.62
C ASN A 43 -14.35 16.92 11.92
N THR A 44 -15.20 17.08 12.92
CA THR A 44 -14.82 17.57 14.24
C THR A 44 -15.74 16.93 15.27
N ASP A 45 -15.30 15.82 15.84
CA ASP A 45 -15.83 15.39 17.13
C ASP A 45 -15.31 16.34 18.22
N SER A 46 -16.13 16.60 19.24
CA SER A 46 -15.73 17.44 20.36
C SER A 46 -16.33 16.96 21.67
N GLU A 47 -15.59 17.14 22.76
CA GLU A 47 -16.05 16.89 24.12
C GLU A 47 -15.86 18.14 24.99
N THR A 48 -16.76 18.34 25.94
CA THR A 48 -16.81 19.52 26.80
C THR A 48 -16.91 19.11 28.25
N LEU A 49 -16.19 19.82 29.13
CA LEU A 49 -16.33 19.70 30.57
C LEU A 49 -17.37 20.73 31.02
N ASP A 50 -18.52 20.23 31.44
CA ASP A 50 -19.60 21.06 31.92
C ASP A 50 -19.73 21.02 33.42
N HIS A 51 -19.95 22.16 34.03
CA HIS A 51 -20.10 22.28 35.48
C HIS A 51 -21.52 22.72 35.81
N TYR A 52 -22.18 22.02 36.74
CA TYR A 52 -23.52 22.35 37.21
C TYR A 52 -23.48 22.92 38.63
N SER A 53 -24.25 23.96 38.92
CA SER A 53 -24.34 24.53 40.27
C SER A 53 -24.92 23.52 41.25
N SER A 54 -24.25 23.32 42.38
CA SER A 54 -24.74 22.51 43.49
C SER A 54 -25.39 23.35 44.60
N ASP A 55 -25.33 24.68 44.49
CA ASP A 55 -25.89 25.62 45.48
C ASP A 55 -27.32 26.06 45.16
N HIS A 56 -27.71 26.00 43.89
CA HIS A 56 -29.05 26.39 43.46
C HIS A 56 -29.63 25.64 42.27
N GLY A 57 -30.95 25.50 42.21
CA GLY A 57 -31.64 24.81 41.11
C GLY A 57 -31.27 23.33 40.96
N MET A 58 -31.82 22.69 39.93
CA MET A 58 -31.34 21.38 39.45
C MET A 58 -30.70 21.56 38.07
N ARG A 59 -29.46 21.10 37.90
CA ARG A 59 -28.73 21.09 36.62
C ARG A 59 -28.72 22.46 35.91
N VAL A 60 -28.59 23.54 36.68
CA VAL A 60 -28.22 24.85 36.14
C VAL A 60 -26.72 24.84 35.82
N MET A 61 -26.33 25.04 34.56
CA MET A 61 -24.92 25.12 34.19
C MET A 61 -24.26 26.37 34.76
N ASP A 62 -23.25 26.16 35.58
CA ASP A 62 -22.40 27.19 36.19
C ASP A 62 -21.30 27.64 35.20
N ALA A 63 -20.77 26.70 34.43
CA ALA A 63 -19.69 26.88 33.47
C ALA A 63 -19.65 25.75 32.42
N SER A 64 -18.96 25.97 31.30
CA SER A 64 -18.44 24.88 30.48
C SER A 64 -17.19 25.31 29.71
N VAL A 65 -16.37 24.33 29.34
CA VAL A 65 -15.13 24.52 28.58
C VAL A 65 -14.94 23.39 27.57
N LEU A 66 -14.30 23.65 26.45
CA LEU A 66 -13.96 22.63 25.46
C LEU A 66 -12.77 21.80 25.97
N LEU A 67 -12.94 20.50 26.18
CA LEU A 67 -11.83 19.61 26.57
C LEU A 67 -10.91 19.36 25.38
N GLU A 68 -11.45 18.81 24.30
CA GLU A 68 -10.90 19.03 22.97
C GLU A 68 -11.98 18.98 21.90
N ALA A 69 -11.78 19.72 20.82
CA ALA A 69 -12.30 19.41 19.51
C ALA A 69 -11.20 18.70 18.74
N SER A 70 -11.41 17.51 18.22
CA SER A 70 -10.43 16.79 17.40
C SER A 70 -10.72 17.05 15.93
N GLN A 71 -10.04 18.05 15.37
CA GLN A 71 -10.16 18.31 13.94
C GLN A 71 -9.47 17.21 13.17
N GLY A 72 -9.99 16.90 12.00
CA GLY A 72 -9.50 15.82 11.17
C GLY A 72 -10.42 15.62 9.98
N GLY A 73 -10.35 14.47 9.32
CA GLY A 73 -11.17 14.26 8.14
C GLY A 73 -10.97 12.91 7.46
N THR A 74 -11.64 12.77 6.33
CA THR A 74 -11.54 11.64 5.42
C THR A 74 -11.41 12.13 4.00
N PHE A 75 -10.68 11.40 3.17
CA PHE A 75 -10.72 11.59 1.73
C PHE A 75 -10.50 10.25 1.03
N THR A 76 -10.99 10.12 -0.19
CA THR A 76 -10.74 8.94 -1.02
C THR A 76 -9.94 9.36 -2.24
N CYS A 77 -9.21 8.46 -2.89
CA CYS A 77 -8.73 8.72 -4.25
C CYS A 77 -8.86 7.53 -5.20
N ASP A 78 -9.25 7.83 -6.44
CA ASP A 78 -9.35 6.91 -7.56
C ASP A 78 -7.99 6.55 -8.16
N ASN A 79 -6.99 7.38 -7.93
CA ASN A 79 -5.68 7.25 -8.53
C ASN A 79 -4.83 6.21 -7.79
N ILE A 80 -4.71 5.00 -8.32
CA ILE A 80 -3.89 3.95 -7.70
C ILE A 80 -2.49 4.02 -8.29
N ASN A 81 -1.51 4.33 -7.44
CA ASN A 81 -0.09 4.36 -7.78
C ASN A 81 0.76 4.03 -6.56
N ALA A 82 2.05 3.77 -6.75
CA ALA A 82 2.93 3.32 -5.68
C ALA A 82 3.01 4.31 -4.50
N ASP A 83 2.99 5.63 -4.75
CA ASP A 83 3.01 6.63 -3.68
C ASP A 83 1.76 6.58 -2.79
N ASN A 84 0.57 6.56 -3.39
CA ASN A 84 -0.68 6.43 -2.65
C ASN A 84 -0.78 5.07 -1.95
N LEU A 85 -0.40 3.98 -2.60
CA LEU A 85 -0.41 2.66 -1.98
C LEU A 85 0.58 2.59 -0.82
N ALA A 86 1.80 3.11 -0.92
CA ALA A 86 2.73 3.11 0.20
C ALA A 86 2.21 3.91 1.39
N LEU A 87 1.54 5.02 1.12
CA LEU A 87 0.88 5.81 2.14
C LEU A 87 -0.33 5.07 2.76
N TRP A 88 -1.10 4.30 1.99
CA TRP A 88 -2.22 3.52 2.50
C TRP A 88 -1.77 2.30 3.31
N PHE A 89 -0.78 1.56 2.82
CA PHE A 89 -0.19 0.40 3.48
C PHE A 89 0.82 0.75 4.59
N LEU A 90 0.80 1.98 5.12
CA LEU A 90 1.63 2.45 6.25
C LEU A 90 3.12 2.15 6.05
N GLY A 91 3.61 2.38 4.83
CA GLY A 91 4.86 1.85 4.35
C GLY A 91 5.60 2.72 3.36
N GLU A 92 6.33 2.06 2.47
CA GLU A 92 7.45 2.64 1.73
C GLU A 92 7.47 2.13 0.28
N VAL A 93 7.73 3.02 -0.68
CA VAL A 93 8.07 2.62 -2.05
C VAL A 93 9.56 2.28 -2.13
N SER A 94 9.90 1.09 -2.60
CA SER A 94 11.28 0.73 -2.97
C SER A 94 11.36 0.45 -4.47
N ASN A 95 12.18 1.21 -5.19
CA ASN A 95 12.56 0.92 -6.57
C ASN A 95 13.91 0.19 -6.59
N THR A 96 14.04 -0.87 -7.37
CA THR A 96 15.28 -1.63 -7.54
C THR A 96 15.41 -2.13 -8.99
N THR A 97 16.61 -2.53 -9.38
CA THR A 97 16.80 -3.52 -10.46
C THR A 97 17.09 -4.87 -9.81
N GLN A 98 16.43 -5.94 -10.25
CA GLN A 98 16.79 -7.28 -9.77
C GLN A 98 18.15 -7.69 -10.32
N THR A 99 18.92 -8.47 -9.55
CA THR A 99 20.22 -8.98 -10.00
C THR A 99 20.02 -9.92 -11.19
N GLN A 100 20.62 -9.62 -12.34
CA GLN A 100 20.70 -10.60 -13.43
C GLN A 100 21.63 -11.73 -12.98
N GLN A 101 21.04 -12.94 -12.95
CA GLN A 101 21.77 -14.13 -12.56
C GLN A 101 21.46 -15.28 -13.53
N THR A 102 22.44 -16.08 -13.88
CA THR A 102 22.30 -17.20 -14.81
C THR A 102 22.63 -18.51 -14.12
N ASP A 103 21.91 -19.57 -14.48
CA ASP A 103 21.90 -20.83 -13.74
C ASP A 103 21.62 -20.62 -12.22
N ALA A 104 20.65 -19.77 -11.90
CA ALA A 104 20.10 -19.68 -10.55
C ALA A 104 19.32 -20.98 -10.24
N LYS A 105 19.57 -21.60 -9.09
CA LYS A 105 19.07 -22.93 -8.76
C LYS A 105 18.28 -22.94 -7.46
N GLU A 106 17.25 -23.77 -7.40
CA GLU A 106 16.26 -23.75 -6.32
C GLU A 106 15.59 -25.14 -6.16
N VAL A 107 15.02 -25.41 -4.98
CA VAL A 107 14.42 -26.71 -4.63
C VAL A 107 13.01 -26.52 -4.06
N PHE A 108 12.06 -27.36 -4.47
CA PHE A 108 10.72 -27.45 -3.92
C PHE A 108 10.53 -28.85 -3.30
N ASN A 109 10.87 -28.98 -2.02
CA ASN A 109 10.94 -30.30 -1.34
C ASN A 109 9.56 -30.94 -1.13
N PRO A 110 8.56 -30.27 -0.51
CA PRO A 110 7.19 -30.69 -0.62
C PRO A 110 6.62 -30.24 -1.97
N ILE A 111 6.00 -31.15 -2.72
CA ILE A 111 5.16 -30.83 -3.89
C ILE A 111 3.81 -31.54 -3.80
N MET A 112 2.76 -30.79 -4.11
CA MET A 112 1.46 -31.28 -4.55
C MET A 112 1.26 -30.85 -6.01
N ARG A 113 0.69 -31.72 -6.83
CA ARG A 113 0.42 -31.34 -8.21
C ARG A 113 -0.80 -30.47 -8.24
N GLY A 114 -1.07 -29.85 -9.38
CA GLY A 114 -2.20 -28.91 -9.43
C GLY A 114 -2.00 -27.69 -8.53
N ARG A 115 -0.79 -27.15 -8.58
CA ARG A 115 -0.44 -26.00 -7.76
C ARG A 115 0.56 -25.11 -8.50
N TYR A 116 0.73 -23.87 -8.04
CA TYR A 116 1.64 -22.91 -8.62
C TYR A 116 2.81 -22.65 -7.68
N TYR A 117 4.01 -22.51 -8.22
CA TYR A 117 5.25 -22.26 -7.50
C TYR A 117 5.91 -21.02 -8.09
N GLN A 118 6.37 -20.11 -7.24
CA GLN A 118 6.98 -18.86 -7.65
C GLN A 118 8.50 -18.99 -7.59
N LEU A 119 9.18 -18.81 -8.71
CA LEU A 119 10.64 -18.87 -8.80
C LEU A 119 11.29 -17.71 -8.05
N GLY A 120 12.39 -17.98 -7.36
CA GLY A 120 13.28 -16.97 -6.81
C GLY A 120 12.65 -16.14 -5.69
N THR A 121 11.89 -16.76 -4.79
CA THR A 121 11.38 -16.06 -3.59
C THR A 121 12.49 -15.98 -2.54
N THR A 122 13.06 -14.78 -2.35
CA THR A 122 14.19 -14.54 -1.42
C THR A 122 14.01 -13.22 -0.68
N ASP A 123 14.81 -12.96 0.36
CA ASP A 123 14.79 -11.67 1.06
C ASP A 123 15.06 -10.45 0.16
N ASP A 124 15.80 -10.61 -0.95
CA ASP A 124 16.05 -9.54 -1.93
C ASP A 124 14.82 -9.21 -2.78
N ASN A 125 14.02 -10.26 -3.06
CA ASN A 125 12.77 -10.12 -3.81
C ASN A 125 11.78 -11.08 -3.18
N PRO A 126 10.98 -10.64 -2.19
CA PRO A 126 10.08 -11.50 -1.43
C PRO A 126 8.78 -11.83 -2.16
N THR A 127 8.43 -11.08 -3.20
CA THR A 127 7.34 -11.39 -4.14
C THR A 127 7.80 -12.24 -5.35
N GLY A 128 9.08 -12.64 -5.38
CA GLY A 128 9.68 -13.52 -6.38
C GLY A 128 10.32 -12.82 -7.58
N VAL A 129 10.96 -13.62 -8.44
CA VAL A 129 11.52 -13.21 -9.75
C VAL A 129 10.42 -12.87 -10.77
N ARG A 130 10.75 -12.07 -11.78
CA ARG A 130 10.02 -11.93 -13.07
C ARG A 130 11.01 -11.94 -14.22
N GLY A 131 10.56 -12.21 -15.44
CA GLY A 131 11.40 -12.20 -16.63
C GLY A 131 12.48 -13.28 -16.61
N VAL A 132 12.08 -14.52 -16.82
CA VAL A 132 12.98 -15.67 -16.95
C VAL A 132 13.23 -15.97 -18.43
N THR A 133 14.49 -16.09 -18.84
CA THR A 133 14.87 -16.39 -20.24
C THR A 133 14.94 -17.89 -20.53
N ASN A 134 15.50 -18.68 -19.62
CA ASN A 134 15.62 -20.14 -19.72
C ASN A 134 15.17 -20.79 -18.41
N PHE A 135 14.56 -21.98 -18.49
CA PHE A 135 14.16 -22.79 -17.35
C PHE A 135 14.32 -24.29 -17.65
N GLN A 136 14.76 -25.09 -16.68
CA GLN A 136 14.67 -26.55 -16.69
C GLN A 136 14.49 -27.11 -15.28
N MET A 137 13.92 -28.32 -15.14
CA MET A 137 13.74 -28.96 -13.84
C MET A 137 13.93 -30.47 -13.85
N VAL A 138 14.29 -30.99 -12.68
CA VAL A 138 14.49 -32.43 -12.42
C VAL A 138 13.70 -32.86 -11.19
N LYS A 139 13.04 -34.01 -11.27
CA LYS A 139 12.32 -34.63 -10.15
C LYS A 139 13.21 -35.58 -9.35
N ALA A 140 12.85 -35.83 -8.09
CA ALA A 140 13.50 -36.78 -7.20
C ALA A 140 12.51 -37.29 -6.13
N ASP A 141 12.86 -38.32 -5.36
CA ASP A 141 12.09 -38.73 -4.19
C ASP A 141 12.23 -37.72 -3.05
N ALA A 142 11.14 -37.33 -2.39
CA ALA A 142 11.12 -36.23 -1.41
C ALA A 142 11.91 -36.49 -0.12
N SER A 143 12.20 -37.76 0.21
CA SER A 143 13.03 -38.13 1.36
C SER A 143 14.52 -37.85 1.18
N ILE A 144 14.99 -37.64 -0.06
CA ILE A 144 16.40 -37.30 -0.37
C ILE A 144 16.72 -35.88 0.09
N ALA A 145 17.75 -35.72 0.93
CA ALA A 145 18.23 -34.41 1.38
C ALA A 145 19.08 -33.72 0.27
N ILE A 146 18.42 -33.16 -0.73
CA ILE A 146 19.08 -32.44 -1.84
C ILE A 146 19.82 -31.19 -1.34
N SER A 147 20.98 -30.92 -1.95
CA SER A 147 21.66 -29.63 -1.95
C SER A 147 22.30 -29.39 -3.32
N VAL A 148 22.51 -28.13 -3.69
CA VAL A 148 22.79 -27.72 -5.09
C VAL A 148 23.90 -26.68 -5.16
N GLY A 149 25.00 -26.91 -4.42
CA GLY A 149 26.07 -25.92 -4.22
C GLY A 149 26.92 -25.59 -5.45
N SER A 150 27.04 -26.51 -6.41
CA SER A 150 27.74 -26.30 -7.69
C SER A 150 27.28 -27.31 -8.76
N GLY A 151 27.46 -26.98 -10.04
CA GLY A 151 27.01 -27.77 -11.19
C GLY A 151 25.51 -27.66 -11.50
N ASP A 152 25.11 -28.03 -12.72
CA ASP A 152 23.71 -28.02 -13.12
C ASP A 152 22.86 -29.05 -12.36
N ILE A 153 21.55 -28.82 -12.25
CA ILE A 153 20.64 -29.64 -11.42
C ILE A 153 20.59 -31.13 -11.81
N THR A 154 20.91 -31.50 -13.06
CA THR A 154 21.02 -32.91 -13.48
C THR A 154 22.14 -33.70 -12.77
N SER A 155 23.11 -33.01 -12.15
CA SER A 155 24.23 -33.61 -11.43
C SER A 155 23.84 -34.21 -10.06
N ILE A 156 22.76 -33.74 -9.44
CA ILE A 156 22.40 -34.12 -8.06
C ILE A 156 21.95 -35.60 -7.98
N VAL A 157 22.11 -36.21 -6.80
CA VAL A 157 21.78 -37.62 -6.57
C VAL A 157 20.28 -37.92 -6.74
N GLY A 158 19.96 -39.05 -7.38
CA GLY A 158 18.60 -39.56 -7.54
C GLY A 158 17.69 -38.79 -8.52
N ALA A 159 18.17 -37.73 -9.16
CA ALA A 159 17.34 -36.84 -9.97
C ALA A 159 17.09 -37.33 -11.42
N THR A 160 15.95 -36.95 -12.00
CA THR A 160 15.52 -37.28 -13.37
C THR A 160 14.94 -36.05 -14.08
N VAL A 161 15.32 -35.78 -15.33
CA VAL A 161 14.80 -34.64 -16.11
C VAL A 161 13.30 -34.76 -16.38
N VAL A 162 12.57 -33.66 -16.21
CA VAL A 162 11.12 -33.59 -16.51
C VAL A 162 10.90 -32.76 -17.78
N ASN A 163 10.30 -33.35 -18.80
CA ASN A 163 9.84 -32.60 -19.98
C ASN A 163 8.54 -31.86 -19.68
N PRO A 164 8.28 -30.68 -20.27
CA PRO A 164 7.13 -29.85 -19.90
C PRO A 164 5.78 -30.48 -20.21
N ALA A 165 5.59 -31.02 -21.42
CA ALA A 165 4.28 -31.44 -21.93
C ALA A 165 3.59 -32.47 -21.00
N GLY A 166 2.44 -32.09 -20.45
CA GLY A 166 1.67 -32.91 -19.51
C GLY A 166 2.20 -32.97 -18.07
N ASN A 167 3.30 -32.27 -17.76
CA ASN A 167 3.90 -32.23 -16.43
C ASN A 167 3.91 -30.84 -15.79
N TYR A 168 4.26 -29.81 -16.55
CA TYR A 168 4.22 -28.43 -16.08
C TYR A 168 3.96 -27.42 -17.21
N GLU A 169 3.44 -26.27 -16.82
CA GLU A 169 3.36 -25.07 -17.65
C GLU A 169 4.19 -23.96 -16.98
N ILE A 170 4.79 -23.07 -17.76
CA ILE A 170 5.62 -21.97 -17.24
C ILE A 170 5.14 -20.63 -17.77
N ASP A 171 4.94 -19.68 -16.86
CA ASP A 171 4.77 -18.26 -17.16
C ASP A 171 6.14 -17.60 -16.95
N LEU A 172 6.87 -17.40 -18.05
CA LEU A 172 8.25 -16.92 -18.05
C LEU A 172 8.33 -15.46 -17.59
N GLU A 173 7.41 -14.60 -18.04
CA GLU A 173 7.32 -13.23 -17.58
C GLU A 173 7.00 -13.14 -16.09
N ALA A 174 6.04 -13.91 -15.57
CA ALA A 174 5.71 -13.90 -14.14
C ALA A 174 6.69 -14.68 -13.24
N GLY A 175 7.55 -15.53 -13.82
CA GLY A 175 8.40 -16.44 -13.06
C GLY A 175 7.63 -17.54 -12.32
N ARG A 176 6.57 -18.05 -12.94
CA ARG A 176 5.72 -19.01 -12.25
C ARG A 176 5.57 -20.37 -12.90
N ILE A 177 5.75 -21.41 -12.13
CA ILE A 177 5.58 -22.80 -12.58
C ILE A 177 4.20 -23.29 -12.14
N TYR A 178 3.42 -23.84 -13.05
CA TYR A 178 2.22 -24.59 -12.70
C TYR A 178 2.47 -26.08 -12.91
N ILE A 179 2.40 -26.88 -11.86
CA ILE A 179 2.51 -28.34 -11.95
C ILE A 179 1.16 -28.91 -12.35
N GLU A 180 1.07 -29.57 -13.50
CA GLU A 180 -0.20 -29.97 -14.10
C GLU A 180 -0.99 -30.95 -13.20
N PRO A 181 -2.32 -30.78 -13.05
CA PRO A 181 -3.10 -31.40 -11.98
C PRO A 181 -3.29 -32.91 -12.14
N ASP A 182 -3.11 -33.42 -13.36
CA ASP A 182 -3.18 -34.83 -13.73
C ASP A 182 -1.82 -35.38 -14.18
N SER A 183 -0.71 -34.65 -13.95
CA SER A 183 0.63 -35.02 -14.39
C SER A 183 1.05 -36.40 -13.89
N THR A 184 1.50 -37.24 -14.82
CA THR A 184 1.93 -38.63 -14.55
C THR A 184 3.33 -38.70 -13.95
N ASP A 185 4.27 -37.85 -14.39
CA ASP A 185 5.66 -37.88 -13.93
C ASP A 185 5.85 -37.39 -12.49
N LEU A 186 4.89 -36.64 -11.93
CA LEU A 186 5.01 -35.91 -10.67
C LEU A 186 3.99 -36.34 -9.60
N SER A 187 3.27 -37.44 -9.84
CA SER A 187 2.42 -38.08 -8.84
C SER A 187 3.25 -38.78 -7.75
N GLY A 188 2.68 -38.97 -6.55
CA GLY A 188 3.34 -39.60 -5.42
C GLY A 188 4.28 -38.67 -4.65
N ASN A 189 5.22 -39.24 -3.88
CA ASN A 189 6.10 -38.53 -2.95
C ASN A 189 7.30 -37.84 -3.64
N VAL A 190 7.03 -37.06 -4.68
CA VAL A 190 8.02 -36.37 -5.52
C VAL A 190 8.46 -35.04 -4.92
N GLN A 191 9.70 -34.63 -5.21
CA GLN A 191 10.24 -33.28 -5.06
C GLN A 191 10.89 -32.80 -6.36
N ILE A 192 11.10 -31.50 -6.49
CA ILE A 192 11.68 -30.88 -7.68
C ILE A 192 12.92 -30.05 -7.32
N ALA A 193 13.91 -30.03 -8.20
CA ALA A 193 14.91 -28.98 -8.25
C ALA A 193 14.89 -28.31 -9.63
N VAL A 194 15.17 -27.02 -9.69
CA VAL A 194 15.03 -26.20 -10.90
C VAL A 194 16.30 -25.38 -11.16
N GLN A 195 16.33 -24.85 -12.38
CA GLN A 195 17.40 -23.96 -12.74
C GLN A 195 16.85 -22.96 -13.76
N TYR A 196 17.19 -21.69 -13.62
CA TYR A 196 16.68 -20.62 -14.49
C TYR A 196 17.67 -19.45 -14.68
N ASP A 197 17.47 -18.69 -15.76
CA ASP A 197 18.19 -17.45 -16.05
C ASP A 197 17.28 -16.23 -15.86
N VAL A 198 17.69 -15.27 -15.03
CA VAL A 198 16.91 -14.10 -14.62
C VAL A 198 17.37 -12.85 -15.38
N ASP A 199 16.46 -12.18 -16.09
CA ASP A 199 16.76 -10.95 -16.83
C ASP A 199 16.99 -9.75 -15.89
N ALA A 200 17.89 -8.83 -16.24
CA ALA A 200 17.91 -7.50 -15.64
C ALA A 200 16.65 -6.71 -16.03
N GLN A 201 15.89 -6.25 -15.04
CA GLN A 201 14.81 -5.29 -15.24
C GLN A 201 14.60 -4.42 -14.00
N LYS A 202 14.18 -3.18 -14.20
CA LYS A 202 13.77 -2.27 -13.15
C LYS A 202 12.35 -2.60 -12.68
N ARG A 203 12.19 -2.67 -11.34
CA ARG A 203 10.91 -3.04 -10.71
C ARG A 203 10.58 -2.27 -9.43
N THR A 204 9.30 -1.96 -9.19
CA THR A 204 8.84 -1.19 -8.03
C THR A 204 8.08 -2.10 -7.08
N LEU A 205 8.40 -2.02 -5.79
CA LEU A 205 7.61 -2.63 -4.72
C LEU A 205 7.06 -1.52 -3.82
N VAL A 206 5.89 -1.75 -3.27
CA VAL A 206 5.43 -1.12 -2.03
C VAL A 206 5.62 -2.14 -0.94
N ILE A 207 6.32 -1.78 0.14
CA ILE A 207 6.50 -2.66 1.29
C ILE A 207 5.59 -2.14 2.41
N GLY A 208 4.64 -2.97 2.83
CA GLY A 208 3.69 -2.65 3.89
C GLY A 208 4.26 -2.91 5.27
N LYS A 209 5.16 -2.03 5.72
CA LYS A 209 5.53 -1.94 7.15
C LYS A 209 4.41 -1.29 7.98
N SER A 210 4.68 -0.82 9.19
CA SER A 210 3.64 -0.41 10.15
C SER A 210 4.00 0.90 10.85
N ASN A 211 4.32 1.94 10.06
CA ASN A 211 4.79 3.22 10.59
C ASN A 211 3.73 4.33 10.54
N MET A 212 3.60 5.10 11.62
CA MET A 212 2.73 6.27 11.70
C MET A 212 3.25 7.39 10.77
N VAL A 213 2.57 7.65 9.66
CA VAL A 213 3.01 8.66 8.67
C VAL A 213 2.46 10.05 9.00
N TYR A 214 3.33 10.94 9.46
CA TYR A 214 3.03 12.36 9.60
C TYR A 214 3.39 13.14 8.34
N GLY A 215 2.72 14.27 8.14
CA GLY A 215 2.98 15.17 7.02
C GLY A 215 2.06 16.38 7.07
N ALA A 216 2.16 17.32 6.13
CA ALA A 216 1.19 18.42 6.03
C ALA A 216 0.21 18.16 4.87
N LEU A 217 -1.07 18.39 5.12
CA LEU A 217 -2.13 18.12 4.15
C LEU A 217 -2.65 19.44 3.60
N ARG A 218 -2.97 19.48 2.31
CA ARG A 218 -3.48 20.68 1.71
C ARG A 218 -4.45 20.50 0.58
N MET A 219 -5.60 21.13 0.65
CA MET A 219 -6.52 21.13 -0.49
C MET A 219 -6.57 22.51 -1.14
N ILE A 220 -6.33 22.60 -2.44
CA ILE A 220 -6.51 23.82 -3.23
C ILE A 220 -7.80 23.64 -4.05
N SER A 221 -8.76 24.55 -3.95
CA SER A 221 -10.06 24.38 -4.57
C SER A 221 -10.22 25.19 -5.87
N ASP A 222 -10.85 24.52 -6.86
CA ASP A 222 -11.16 25.14 -8.16
C ASP A 222 -12.65 24.88 -8.36
N ASN A 223 -13.48 25.40 -7.48
CA ASN A 223 -14.93 25.24 -7.46
C ASN A 223 -15.62 25.79 -8.72
N PRO A 224 -16.46 25.00 -9.42
CA PRO A 224 -17.15 25.44 -10.63
C PRO A 224 -18.26 26.46 -10.36
N VAL A 225 -18.77 26.52 -9.14
CA VAL A 225 -19.67 27.56 -8.64
C VAL A 225 -19.35 27.84 -7.18
N GLY A 226 -19.49 29.09 -6.76
CA GLY A 226 -19.09 29.58 -5.45
C GLY A 226 -17.64 30.02 -5.37
N LEU A 227 -17.35 31.00 -4.54
CA LEU A 227 -16.00 31.52 -4.33
C LEU A 227 -15.10 30.45 -3.71
N ASN A 228 -13.89 30.35 -4.23
CA ASN A 228 -12.96 29.34 -3.76
C ASN A 228 -12.12 29.72 -2.59
N LYS A 229 -11.77 28.71 -1.76
CA LYS A 229 -10.97 28.87 -0.54
C LYS A 229 -10.14 27.64 -0.26
N ASN A 230 -8.89 27.77 0.13
CA ASN A 230 -7.99 26.65 0.29
C ASN A 230 -7.71 26.24 1.70
N TYR A 231 -7.41 24.99 1.94
CA TYR A 231 -7.27 24.48 3.31
C TYR A 231 -5.88 23.91 3.50
N TYR A 232 -5.21 24.25 4.59
CA TYR A 232 -3.90 23.73 4.91
C TYR A 232 -3.87 23.25 6.35
N PHE A 233 -3.35 22.05 6.57
CA PHE A 233 -3.18 21.43 7.86
C PHE A 233 -1.68 21.22 8.11
N PRO A 234 -1.00 22.12 8.85
CA PRO A 234 0.45 22.13 8.99
C PRO A 234 1.08 20.82 9.48
N LYS A 235 0.37 20.04 10.30
CA LYS A 235 0.66 18.63 10.57
C LYS A 235 -0.66 17.86 10.57
N VAL A 236 -0.65 16.67 9.99
CA VAL A 236 -1.65 15.62 10.19
C VAL A 236 -0.94 14.29 10.37
N SER A 237 -1.61 13.29 10.93
CA SER A 237 -1.22 11.89 10.73
C SER A 237 -2.19 11.25 9.75
N ILE A 238 -1.69 10.70 8.65
CA ILE A 238 -2.48 9.93 7.68
C ILE A 238 -2.56 8.48 8.15
N ALA A 239 -3.71 7.86 7.95
CA ALA A 239 -3.92 6.43 8.11
C ALA A 239 -4.90 5.91 7.05
N PRO A 240 -4.85 4.61 6.70
CA PRO A 240 -5.90 3.97 5.93
C PRO A 240 -7.23 3.99 6.70
N ASP A 241 -8.33 4.12 5.99
CA ASP A 241 -9.69 4.08 6.52
C ASP A 241 -10.53 3.03 5.79
N GLY A 242 -11.48 2.42 6.48
CA GLY A 242 -12.33 1.37 5.93
C GLY A 242 -11.51 0.19 5.41
N ASP A 243 -11.84 -0.27 4.21
CA ASP A 243 -11.11 -1.31 3.50
C ASP A 243 -10.97 -0.98 2.01
N TYR A 244 -10.01 -1.63 1.36
CA TYR A 244 -9.63 -1.36 -0.02
C TYR A 244 -9.99 -2.57 -0.88
N ALA A 245 -11.03 -2.42 -1.70
CA ALA A 245 -11.57 -3.50 -2.52
C ALA A 245 -10.77 -3.61 -3.82
N LEU A 246 -10.09 -4.74 -4.02
CA LEU A 246 -9.26 -4.99 -5.19
C LEU A 246 -10.05 -5.49 -6.41
N LYS A 247 -11.24 -6.07 -6.20
CA LYS A 247 -12.16 -6.57 -7.23
C LYS A 247 -13.57 -6.07 -6.98
N GLY A 248 -14.27 -5.71 -8.04
CA GLY A 248 -15.62 -5.18 -8.04
C GLY A 248 -15.96 -4.48 -9.36
N ASP A 249 -17.23 -4.11 -9.56
CA ASP A 249 -17.69 -3.42 -10.77
C ASP A 249 -17.47 -1.90 -10.74
N ASP A 250 -17.22 -1.30 -9.57
CA ASP A 250 -16.81 0.10 -9.41
C ASP A 250 -15.32 0.31 -9.71
N TRP A 251 -14.91 1.56 -9.91
CA TRP A 251 -13.51 1.98 -9.85
C TRP A 251 -12.90 1.66 -8.48
N GLN A 252 -11.62 1.27 -8.45
CA GLN A 252 -10.91 1.13 -7.18
C GLN A 252 -10.74 2.50 -6.51
N VAL A 253 -10.95 2.55 -5.19
CA VAL A 253 -10.62 3.70 -4.35
C VAL A 253 -9.89 3.24 -3.11
N MET A 254 -8.83 3.96 -2.75
CA MET A 254 -8.32 3.98 -1.37
C MET A 254 -9.08 5.02 -0.59
N SER A 255 -9.37 4.76 0.68
CA SER A 255 -9.90 5.72 1.62
C SER A 255 -8.88 6.01 2.71
N PHE A 256 -8.64 7.28 2.99
CA PHE A 256 -7.73 7.76 4.01
C PHE A 256 -8.47 8.55 5.06
N THR A 257 -8.04 8.46 6.30
CA THR A 257 -8.43 9.38 7.37
C THR A 257 -7.20 10.11 7.87
N PHE A 258 -7.37 11.37 8.23
CA PHE A 258 -6.33 12.19 8.81
C PHE A 258 -6.81 12.81 10.11
N LYS A 259 -5.94 12.92 11.10
CA LYS A 259 -6.19 13.71 12.31
C LYS A 259 -5.29 14.93 12.29
N ALA A 260 -5.85 16.13 12.38
CA ALA A 260 -5.08 17.36 12.37
C ALA A 260 -4.36 17.54 13.71
N MET A 261 -3.13 18.05 13.66
CA MET A 261 -2.27 18.21 14.82
C MET A 261 -1.59 19.57 14.81
N GLN A 262 -1.23 20.03 16.00
CA GLN A 262 -0.52 21.29 16.18
C GLN A 262 0.97 21.06 15.89
N LEU A 263 1.46 21.58 14.77
CA LEU A 263 2.85 21.36 14.30
C LEU A 263 3.88 21.82 15.33
N ASN A 264 3.62 22.96 15.96
CA ASN A 264 4.32 23.55 17.09
C ASN A 264 3.34 24.47 17.84
N ASN A 265 3.66 24.91 19.04
CA ASN A 265 2.74 25.71 19.86
C ASN A 265 2.34 27.08 19.26
N ILE A 266 3.00 27.53 18.19
CA ILE A 266 2.74 28.80 17.49
C ILE A 266 1.69 28.66 16.37
N THR A 267 1.62 27.52 15.70
CA THR A 267 0.74 27.29 14.54
C THR A 267 -0.65 26.76 14.92
N GLN A 268 -1.70 27.21 14.22
CA GLN A 268 -3.03 26.61 14.28
C GLN A 268 -3.01 25.19 13.65
N ARG A 269 -3.98 24.34 13.98
CA ARG A 269 -4.11 22.99 13.37
C ARG A 269 -4.60 23.01 11.93
N VAL A 270 -5.36 24.03 11.56
CA VAL A 270 -5.84 24.27 10.20
C VAL A 270 -5.81 25.77 9.89
N TYR A 271 -5.41 26.12 8.67
CA TYR A 271 -5.53 27.45 8.09
C TYR A 271 -6.43 27.37 6.86
N ILE A 272 -7.43 28.23 6.76
CA ILE A 272 -8.24 28.39 5.56
C ILE A 272 -7.88 29.73 4.92
N ASP A 273 -7.46 29.70 3.66
CA ASP A 273 -7.00 30.84 2.87
C ASP A 273 -8.11 31.27 1.91
N ILE A 274 -8.58 32.51 2.01
CA ILE A 274 -9.77 33.02 1.33
C ILE A 274 -9.35 33.85 0.11
N VAL A 275 -9.84 33.53 -1.09
CA VAL A 275 -9.37 34.17 -2.35
C VAL A 275 -9.89 35.60 -2.56
N GLU A 276 -11.08 35.94 -2.04
CA GLU A 276 -11.69 37.26 -2.21
C GLU A 276 -12.46 37.73 -0.97
#